data_4GQ0
#
_entry.id   4GQ0
#
_cell.length_a   90.593
_cell.length_b   90.593
_cell.length_c   78.372
_cell.angle_alpha   90.00
_cell.angle_beta   90.00
_cell.angle_gamma   120.00
#
_symmetry.space_group_name_H-M   'P 61'
#
loop_
_entity.id
_entity.type
_entity.pdbx_description
1 polymer 'Aldo-keto reductase family 1 member B10'
2 non-polymer '2-phenylethyl (2E)-3-(3,4-dihydroxyphenyl)prop-2-enoate'
3 non-polymer 'NADP NICOTINAMIDE-ADENINE-DINUCLEOTIDE PHOSPHATE'
4 water water
#
_entity_poly.entity_id   1
_entity_poly.type   'polypeptide(L)'
_entity_poly.pdbx_seq_one_letter_code
;SHMATFVELSTKAKMPIVGLGTWKSPLGKVKEAVKVAIDAGYRHIDCAYVYQNEHEVGEAIQEKIQEKAVKREDLFIVSK
LWPTFFERPLVRKAFEKTLKDLKLSYLDVYLIHWPQGFKSGDDLFPKDDKGNAIGGKATFLDAWEAMEELVDEGLVKALG
VSNFSHFQIEKLLNKPGLKYKPVTNQVECHPYLTQEKLIQYCHSKGITVTAYSPLGSPDRPWAKPEDPSLLEDPKIKEIA
AKHKKTAAQVLIRFHIQRNVIVIPKSVTPARIVENIQVFDFKLSDEEMATILSFNRNWRACNVLQSSHLEDYPFDAEY
;
_entity_poly.pdbx_strand_id   A
#
# COMPACT_ATOMS: atom_id res chain seq x y z
N SER A 1 -18.39 -10.37 -10.84
CA SER A 1 -17.70 -11.03 -11.96
C SER A 1 -16.34 -11.61 -11.60
N HIS A 2 -15.54 -10.87 -10.81
CA HIS A 2 -14.21 -11.34 -10.42
C HIS A 2 -14.02 -11.32 -8.90
N MET A 3 -13.15 -12.20 -8.40
CA MET A 3 -12.80 -12.22 -6.99
C MET A 3 -11.33 -12.55 -6.79
N ALA A 4 -10.61 -11.66 -6.10
CA ALA A 4 -9.21 -11.92 -5.81
C ALA A 4 -9.07 -12.94 -4.69
N THR A 5 -8.10 -13.84 -4.83
CA THR A 5 -7.77 -14.80 -3.76
C THR A 5 -7.57 -14.11 -2.40
N PHE A 6 -7.89 -14.82 -1.32
CA PHE A 6 -7.69 -14.28 0.03
C PHE A 6 -6.29 -14.63 0.56
N VAL A 7 -5.65 -13.65 1.17
CA VAL A 7 -4.44 -13.92 1.94
C VAL A 7 -4.84 -13.77 3.40
N GLU A 8 -4.58 -14.80 4.20
CA GLU A 8 -4.99 -14.76 5.59
C GLU A 8 -3.99 -14.00 6.44
N LEU A 9 -4.48 -13.07 7.26
CA LEU A 9 -3.63 -12.29 8.17
C LEU A 9 -3.47 -13.02 9.49
N SER A 10 -2.50 -12.61 10.31
CA SER A 10 -2.24 -13.23 11.60
C SER A 10 -3.49 -13.19 12.50
N THR A 11 -4.36 -12.22 12.24
CA THR A 11 -5.62 -12.06 12.95
C THR A 11 -6.75 -12.98 12.46
N LYS A 12 -6.47 -13.77 11.43
CA LYS A 12 -7.46 -14.61 10.73
C LYS A 12 -8.35 -13.84 9.76
N ALA A 13 -8.29 -12.51 9.78
CA ALA A 13 -9.03 -11.75 8.77
C ALA A 13 -8.53 -12.08 7.35
N LYS A 14 -9.36 -11.81 6.34
CA LYS A 14 -9.04 -12.23 4.97
C LYS A 14 -8.74 -11.01 4.10
N MET A 15 -7.51 -10.89 3.61
CA MET A 15 -7.11 -9.72 2.81
C MET A 15 -7.07 -10.09 1.31
N PRO A 16 -7.86 -9.41 0.48
CA PRO A 16 -7.84 -9.79 -0.93
C PRO A 16 -6.47 -9.50 -1.56
N ILE A 17 -5.92 -10.45 -2.33
CA ILE A 17 -4.55 -10.35 -2.84
C ILE A 17 -4.35 -9.24 -3.91
N VAL A 18 -5.44 -8.77 -4.49
CA VAL A 18 -5.38 -7.60 -5.37
C VAL A 18 -6.28 -6.53 -4.81
N GLY A 19 -5.79 -5.29 -4.77
CA GLY A 19 -6.61 -4.17 -4.37
C GLY A 19 -6.41 -3.00 -5.33
N LEU A 20 -7.24 -1.97 -5.18
CA LEU A 20 -7.15 -0.78 -6.01
C LEU A 20 -6.33 0.33 -5.35
N GLY A 21 -5.20 0.72 -5.95
CA GLY A 21 -4.43 1.84 -5.42
C GLY A 21 -5.10 3.15 -5.79
N THR A 22 -4.94 4.17 -4.95
CA THR A 22 -5.62 5.45 -5.18
C THR A 22 -4.73 6.70 -5.11
N TRP A 23 -3.42 6.52 -5.01
CA TRP A 23 -2.50 7.67 -5.03
C TRP A 23 -2.41 8.27 -6.43
N LYS A 24 -2.55 9.60 -6.52
CA LYS A 24 -2.55 10.36 -7.78
C LYS A 24 -3.87 10.24 -8.55
N SER A 25 -4.86 9.56 -7.97
CA SER A 25 -6.17 9.47 -8.63
C SER A 25 -6.89 10.81 -8.42
N PRO A 26 -7.03 11.61 -9.49
CA PRO A 26 -7.47 13.00 -9.33
C PRO A 26 -8.91 13.12 -8.83
N LEU A 27 -9.19 14.21 -8.11
CA LEU A 27 -10.55 14.51 -7.69
C LEU A 27 -11.42 14.59 -8.93
N GLY A 28 -12.62 14.04 -8.87
CA GLY A 28 -13.49 14.05 -10.03
C GLY A 28 -13.35 12.80 -10.89
N LYS A 29 -12.31 12.00 -10.62
CA LYS A 29 -12.11 10.75 -11.35
C LYS A 29 -12.04 9.51 -10.45
N VAL A 30 -11.54 9.69 -9.23
CA VAL A 30 -11.35 8.58 -8.32
C VAL A 30 -12.68 7.93 -7.87
N LYS A 31 -13.74 8.73 -7.80
CA LYS A 31 -15.03 8.23 -7.36
C LYS A 31 -15.60 7.18 -8.32
N GLU A 32 -15.62 7.53 -9.59
CA GLU A 32 -16.01 6.58 -10.63
C GLU A 32 -15.04 5.40 -10.70
N ALA A 33 -13.76 5.66 -10.51
CA ALA A 33 -12.76 4.60 -10.56
C ALA A 33 -13.05 3.50 -9.53
N VAL A 34 -13.38 3.90 -8.31
CA VAL A 34 -13.71 2.97 -7.21
C VAL A 34 -15.02 2.23 -7.45
N LYS A 35 -16.00 2.92 -8.04
CA LYS A 35 -17.25 2.27 -8.44
C LYS A 35 -17.04 1.20 -9.51
N VAL A 36 -16.28 1.52 -10.56
CA VAL A 36 -15.96 0.53 -11.56
C VAL A 36 -15.25 -0.67 -10.91
N ALA A 37 -14.29 -0.38 -10.05
CA ALA A 37 -13.55 -1.44 -9.37
C ALA A 37 -14.49 -2.33 -8.56
N ILE A 38 -15.36 -1.70 -7.78
CA ILE A 38 -16.30 -2.46 -6.96
C ILE A 38 -17.25 -3.31 -7.82
N ASP A 39 -17.79 -2.72 -8.87
CA ASP A 39 -18.64 -3.47 -9.81
C ASP A 39 -17.91 -4.67 -10.37
N ALA A 40 -16.64 -4.50 -10.72
CA ALA A 40 -15.86 -5.58 -11.31
C ALA A 40 -15.51 -6.66 -10.30
N GLY A 41 -15.62 -6.36 -9.02
CA GLY A 41 -15.38 -7.35 -7.99
C GLY A 41 -14.20 -7.08 -7.08
N TYR A 42 -13.59 -5.90 -7.19
CA TYR A 42 -12.57 -5.47 -6.23
C TYR A 42 -13.22 -5.33 -4.85
N ARG A 43 -12.53 -5.77 -3.80
CA ARG A 43 -13.02 -5.54 -2.44
C ARG A 43 -11.99 -4.77 -1.59
N HIS A 44 -10.72 -4.86 -2.00
CA HIS A 44 -9.62 -4.20 -1.30
C HIS A 44 -9.35 -2.86 -1.97
N ILE A 45 -9.51 -1.78 -1.20
CA ILE A 45 -9.16 -0.43 -1.67
C ILE A 45 -8.03 0.12 -0.79
N ASP A 46 -6.91 0.56 -1.42
CA ASP A 46 -5.83 1.22 -0.69
C ASP A 46 -5.92 2.73 -0.73
N CYS A 47 -5.95 3.34 0.45
CA CYS A 47 -6.17 4.77 0.62
C CYS A 47 -5.09 5.39 1.49
N ALA A 48 -5.11 6.72 1.58
CA ALA A 48 -4.23 7.43 2.51
C ALA A 48 -4.68 8.87 2.71
N TYR A 49 -4.58 9.34 3.95
CA TYR A 49 -4.84 10.71 4.34
C TYR A 49 -4.09 11.65 3.41
N VAL A 50 -2.85 11.29 3.10
CA VAL A 50 -1.97 12.19 2.37
C VAL A 50 -2.29 12.26 0.88
N TYR A 51 -3.12 11.35 0.38
CA TYR A 51 -3.52 11.35 -1.04
C TYR A 51 -4.61 12.39 -1.30
N GLN A 52 -5.20 12.90 -0.22
CA GLN A 52 -6.16 14.02 -0.25
C GLN A 52 -7.39 13.83 -1.15
N ASN A 53 -7.74 12.57 -1.42
CA ASN A 53 -8.94 12.24 -2.19
C ASN A 53 -9.86 11.22 -1.49
N GLU A 54 -9.64 11.04 -0.18
CA GLU A 54 -10.34 10.01 0.60
C GLU A 54 -11.86 10.22 0.68
N HIS A 55 -12.29 11.49 0.65
CA HIS A 55 -13.72 11.79 0.73
C HIS A 55 -14.47 11.39 -0.54
N GLU A 56 -13.81 11.51 -1.70
CA GLU A 56 -14.39 11.01 -2.93
C GLU A 56 -14.41 9.47 -2.99
N VAL A 57 -13.36 8.83 -2.43
CA VAL A 57 -13.36 7.38 -2.24
C VAL A 57 -14.55 6.96 -1.36
N GLY A 58 -14.78 7.72 -0.29
CA GLY A 58 -15.89 7.46 0.61
C GLY A 58 -17.27 7.60 -0.03
N GLU A 59 -17.44 8.61 -0.88
CA GLU A 59 -18.70 8.77 -1.62
C GLU A 59 -19.00 7.51 -2.45
N ALA A 60 -17.97 7.02 -3.15
CA ALA A 60 -18.10 5.84 -3.99
C ALA A 60 -18.48 4.58 -3.19
N ILE A 61 -17.72 4.31 -2.13
CA ILE A 61 -18.00 3.19 -1.24
C ILE A 61 -19.42 3.26 -0.64
N GLN A 62 -19.77 4.45 -0.14
CA GLN A 62 -21.08 4.65 0.48
C GLN A 62 -22.22 4.45 -0.51
N GLU A 63 -22.04 4.92 -1.73
CA GLU A 63 -23.04 4.69 -2.77
C GLU A 63 -23.26 3.20 -3.01
N LYS A 64 -22.18 2.49 -3.34
CA LYS A 64 -22.23 1.06 -3.63
C LYS A 64 -22.84 0.26 -2.48
N ILE A 65 -22.56 0.69 -1.25
CA ILE A 65 -23.17 0.08 -0.07
C ILE A 65 -24.68 0.32 -0.06
N GLN A 66 -25.08 1.54 -0.39
CA GLN A 66 -26.50 1.89 -0.46
C GLN A 66 -27.26 1.10 -1.52
N GLU A 67 -26.65 0.92 -2.70
CA GLU A 67 -27.29 0.16 -3.78
C GLU A 67 -27.28 -1.34 -3.50
N LYS A 68 -26.77 -1.75 -2.35
CA LYS A 68 -26.65 -3.18 -2.04
C LYS A 68 -25.79 -3.91 -3.07
N ALA A 69 -24.91 -3.17 -3.74
CA ALA A 69 -23.95 -3.74 -4.67
C ALA A 69 -22.88 -4.53 -3.90
N VAL A 70 -22.64 -4.11 -2.67
CA VAL A 70 -21.68 -4.78 -1.80
C VAL A 70 -22.05 -4.49 -0.35
N LYS A 71 -21.66 -5.40 0.55
CA LYS A 71 -21.83 -5.16 1.98
C LYS A 71 -20.50 -4.82 2.66
N ARG A 72 -20.55 -3.95 3.66
CA ARG A 72 -19.36 -3.48 4.36
C ARG A 72 -18.40 -4.60 4.81
N GLU A 73 -18.96 -5.72 5.28
CA GLU A 73 -18.11 -6.76 5.86
C GLU A 73 -17.23 -7.42 4.80
N ASP A 74 -17.67 -7.33 3.54
CA ASP A 74 -16.95 -7.90 2.41
C ASP A 74 -15.90 -6.93 1.84
N LEU A 75 -16.07 -5.63 2.11
CA LEU A 75 -15.07 -4.65 1.71
C LEU A 75 -13.84 -4.72 2.62
N PHE A 76 -12.68 -4.37 2.08
CA PHE A 76 -11.43 -4.36 2.85
C PHE A 76 -10.69 -3.06 2.60
N ILE A 77 -10.96 -2.07 3.46
CA ILE A 77 -10.45 -0.73 3.27
C ILE A 77 -9.24 -0.48 4.17
N VAL A 78 -8.16 -0.04 3.54
CA VAL A 78 -6.91 0.21 4.22
C VAL A 78 -6.64 1.69 4.07
N SER A 79 -6.23 2.34 5.17
CA SER A 79 -5.68 3.68 5.07
C SER A 79 -4.41 3.78 5.90
N LYS A 80 -3.82 4.97 5.95
CA LYS A 80 -2.50 5.13 6.54
C LYS A 80 -2.41 6.42 7.35
N LEU A 81 -1.62 6.37 8.42
CA LEU A 81 -1.28 7.55 9.23
C LEU A 81 -0.02 8.22 8.72
N TRP A 82 -0.12 9.50 8.35
CA TRP A 82 1.01 10.30 7.86
C TRP A 82 1.89 10.83 9.02
N PRO A 83 3.22 10.80 8.86
CA PRO A 83 4.14 11.08 9.98
C PRO A 83 4.07 12.47 10.59
N THR A 84 3.33 13.42 10.02
CA THR A 84 3.16 14.71 10.70
C THR A 84 2.13 14.58 11.82
N PHE A 85 1.55 13.38 11.97
CA PHE A 85 0.52 13.17 12.99
C PHE A 85 0.90 12.11 14.04
N PHE A 86 2.18 11.98 14.36
CA PHE A 86 2.60 10.90 15.26
C PHE A 86 2.25 11.15 16.73
N GLU A 87 2.12 12.42 17.12
CA GLU A 87 1.78 12.73 18.51
C GLU A 87 0.38 12.21 18.86
N ARG A 88 0.26 11.59 20.03
CA ARG A 88 -0.95 10.84 20.41
C ARG A 88 -2.31 11.50 20.07
N PRO A 89 -2.51 12.79 20.43
CA PRO A 89 -3.81 13.36 20.11
C PRO A 89 -3.99 13.62 18.60
N LEU A 90 -2.89 13.79 17.89
CA LEU A 90 -2.96 14.00 16.44
C LEU A 90 -3.25 12.69 15.69
N VAL A 91 -2.73 11.58 16.22
CA VAL A 91 -3.06 10.27 15.68
C VAL A 91 -4.56 10.12 15.64
N ARG A 92 -5.21 10.39 16.77
CA ARG A 92 -6.66 10.27 16.85
C ARG A 92 -7.36 11.21 15.88
N LYS A 93 -6.85 12.44 15.77
CA LYS A 93 -7.43 13.42 14.86
C LYS A 93 -7.29 13.06 13.38
N ALA A 94 -6.10 12.65 12.96
CA ALA A 94 -5.90 12.24 11.57
C ALA A 94 -6.79 11.05 11.26
N PHE A 95 -6.81 10.09 12.18
CA PHE A 95 -7.64 8.90 11.99
C PHE A 95 -9.11 9.25 11.85
N GLU A 96 -9.58 10.20 12.67
CA GLU A 96 -10.96 10.66 12.61
C GLU A 96 -11.31 11.36 11.30
N LYS A 97 -10.40 12.20 10.80
CA LYS A 97 -10.63 12.80 9.49
C LYS A 97 -10.68 11.73 8.39
N THR A 98 -9.72 10.80 8.40
CA THR A 98 -9.73 9.69 7.45
C THR A 98 -11.04 8.90 7.48
N LEU A 99 -11.48 8.54 8.68
CA LEU A 99 -12.68 7.72 8.82
C LEU A 99 -13.95 8.48 8.40
N LYS A 100 -14.01 9.76 8.73
CA LYS A 100 -15.16 10.58 8.33
C LYS A 100 -15.18 10.70 6.81
N ASP A 101 -14.03 11.02 6.24
CA ASP A 101 -13.87 11.15 4.79
C ASP A 101 -14.33 9.89 4.05
N LEU A 102 -13.93 8.73 4.56
CA LEU A 102 -14.25 7.47 3.91
C LEU A 102 -15.67 7.03 4.24
N LYS A 103 -16.36 7.85 5.03
CA LYS A 103 -17.74 7.59 5.43
C LYS A 103 -17.92 6.17 5.99
N LEU A 104 -16.96 5.74 6.80
CA LEU A 104 -16.99 4.43 7.43
C LEU A 104 -17.09 4.53 8.94
N SER A 105 -17.45 3.41 9.57
CA SER A 105 -17.47 3.29 11.02
C SER A 105 -16.24 2.54 11.53
N TYR A 106 -15.45 1.98 10.61
CA TYR A 106 -14.22 1.26 11.00
C TYR A 106 -13.33 1.03 9.81
N LEU A 107 -12.02 0.88 10.06
CA LEU A 107 -11.05 0.49 9.02
C LEU A 107 -10.64 -0.95 9.19
N ASP A 108 -10.41 -1.64 8.07
CA ASP A 108 -9.91 -3.00 8.15
C ASP A 108 -8.44 -3.05 8.56
N VAL A 109 -7.64 -2.15 7.99
CA VAL A 109 -6.25 -2.00 8.41
C VAL A 109 -5.87 -0.52 8.45
N TYR A 110 -5.10 -0.11 9.47
CA TYR A 110 -4.57 1.26 9.54
C TYR A 110 -3.06 1.14 9.59
N LEU A 111 -2.37 1.75 8.63
CA LEU A 111 -0.91 1.61 8.50
C LEU A 111 -0.16 2.82 8.97
N ILE A 112 1.04 2.61 9.51
CA ILE A 112 1.98 3.73 9.64
C ILE A 112 2.57 3.96 8.23
N HIS A 113 2.35 5.15 7.67
CA HIS A 113 2.69 5.40 6.27
C HIS A 113 4.18 5.41 6.02
N TRP A 114 4.93 5.93 6.99
CA TRP A 114 6.38 6.10 6.90
C TRP A 114 6.96 6.09 8.33
N PRO A 115 8.14 5.47 8.53
CA PRO A 115 8.65 5.33 9.91
C PRO A 115 9.21 6.58 10.58
N GLN A 116 9.61 7.59 9.81
CA GLN A 116 10.22 8.77 10.39
C GLN A 116 9.17 9.80 10.80
N GLY A 117 9.29 10.32 12.00
CA GLY A 117 8.38 11.35 12.45
C GLY A 117 8.72 12.66 11.79
N PHE A 118 7.70 13.36 11.32
CA PHE A 118 7.90 14.67 10.70
C PHE A 118 7.28 15.74 11.57
N LYS A 119 7.80 16.96 11.44
CA LYS A 119 7.35 18.10 12.23
C LYS A 119 5.83 18.24 12.17
N SER A 120 5.20 18.19 13.33
CA SER A 120 3.76 18.40 13.43
C SER A 120 3.38 19.80 12.92
N GLY A 121 2.19 19.94 12.34
CA GLY A 121 1.73 21.23 11.89
C GLY A 121 0.82 21.25 10.67
N ASP A 122 0.67 22.43 10.09
CA ASP A 122 -0.17 22.61 8.91
C ASP A 122 0.38 21.82 7.72
N ASP A 123 1.67 22.01 7.47
CA ASP A 123 2.34 21.42 6.34
C ASP A 123 2.41 19.88 6.39
N LEU A 124 2.08 19.23 5.27
CA LEU A 124 2.24 17.79 5.15
C LEU A 124 3.69 17.43 4.85
N PHE A 125 4.40 18.38 4.24
CA PHE A 125 5.80 18.16 3.91
C PHE A 125 6.69 19.27 4.47
N PRO A 126 6.79 19.37 5.82
CA PRO A 126 7.62 20.41 6.45
C PRO A 126 9.07 20.31 5.99
N LYS A 127 9.61 21.44 5.52
CA LYS A 127 10.97 21.52 5.00
C LYS A 127 11.75 22.71 5.56
N ASP A 128 13.07 22.63 5.44
CA ASP A 128 13.95 23.73 5.84
C ASP A 128 14.25 24.61 4.63
N ASP A 129 15.06 25.64 4.84
CA ASP A 129 15.44 26.56 3.76
C ASP A 129 16.26 25.91 2.66
N LYS A 130 16.65 24.66 2.84
CA LYS A 130 17.31 23.91 1.79
C LYS A 130 16.39 22.79 1.29
N GLY A 131 15.14 22.81 1.76
CA GLY A 131 14.14 21.84 1.37
C GLY A 131 14.28 20.43 1.94
N ASN A 132 15.14 20.27 2.94
CA ASN A 132 15.28 19.00 3.65
C ASN A 132 14.13 18.84 4.65
N ALA A 133 13.77 17.60 4.95
CA ALA A 133 12.65 17.33 5.87
C ALA A 133 12.95 17.78 7.30
N ILE A 134 11.93 18.32 7.96
CA ILE A 134 12.00 18.66 9.38
C ILE A 134 11.39 17.55 10.24
N GLY A 135 12.21 16.94 11.09
CA GLY A 135 11.75 15.86 11.94
C GLY A 135 10.83 16.36 13.04
N GLY A 136 10.06 15.44 13.63
CA GLY A 136 9.20 15.79 14.75
C GLY A 136 9.64 15.11 16.03
N LYS A 137 8.81 15.19 17.05
CA LYS A 137 9.20 14.72 18.37
C LYS A 137 8.74 13.30 18.71
N ALA A 138 7.53 12.95 18.28
CA ALA A 138 7.01 11.61 18.54
C ALA A 138 7.54 10.60 17.54
N THR A 139 7.80 9.39 17.99
CA THR A 139 8.32 8.31 17.13
C THR A 139 7.19 7.41 16.63
N PHE A 140 7.49 6.52 15.70
CA PHE A 140 6.47 5.60 15.22
C PHE A 140 6.01 4.65 16.32
N LEU A 141 6.87 4.44 17.33
CA LEU A 141 6.50 3.64 18.49
C LEU A 141 5.43 4.38 19.28
N ASP A 142 5.63 5.68 19.51
CA ASP A 142 4.61 6.50 20.14
C ASP A 142 3.31 6.38 19.36
N ALA A 143 3.39 6.54 18.04
CA ALA A 143 2.21 6.46 17.18
C ALA A 143 1.46 5.13 17.33
N TRP A 144 2.20 4.02 17.30
CA TRP A 144 1.62 2.69 17.41
C TRP A 144 0.76 2.52 18.66
N GLU A 145 1.29 3.02 19.78
CA GLU A 145 0.56 2.96 21.06
C GLU A 145 -0.81 3.61 20.92
N ALA A 146 -0.86 4.79 20.30
CA ALA A 146 -2.15 5.45 20.04
C ALA A 146 -3.04 4.62 19.11
N MET A 147 -2.42 3.98 18.12
CA MET A 147 -3.16 3.21 17.13
C MET A 147 -3.75 1.98 17.77
N GLU A 148 -3.01 1.37 18.69
CA GLU A 148 -3.51 0.21 19.43
C GLU A 148 -4.83 0.52 20.14
N GLU A 149 -4.98 1.76 20.61
CA GLU A 149 -6.22 2.17 21.24
C GLU A 149 -7.37 2.12 20.25
N LEU A 150 -7.09 2.40 18.98
CA LEU A 150 -8.12 2.32 17.95
C LEU A 150 -8.67 0.89 17.83
N VAL A 151 -7.79 -0.08 17.97
CA VAL A 151 -8.17 -1.49 17.88
C VAL A 151 -9.03 -1.86 19.09
N ASP A 152 -8.55 -1.47 20.27
CA ASP A 152 -9.29 -1.71 21.53
C ASP A 152 -10.72 -1.20 21.42
N GLU A 153 -10.88 -0.01 20.85
CA GLU A 153 -12.19 0.62 20.73
C GLU A 153 -13.05 0.11 19.56
N GLY A 154 -12.57 -0.88 18.82
CA GLY A 154 -13.31 -1.40 17.68
C GLY A 154 -13.35 -0.52 16.43
N LEU A 155 -12.50 0.51 16.38
CA LEU A 155 -12.47 1.42 15.24
C LEU A 155 -11.61 0.91 14.07
N VAL A 156 -10.64 0.06 14.37
CA VAL A 156 -9.75 -0.49 13.36
C VAL A 156 -9.63 -1.97 13.64
N LYS A 157 -9.67 -2.81 12.61
CA LYS A 157 -9.59 -4.25 12.83
C LYS A 157 -8.16 -4.73 12.99
N ALA A 158 -7.21 -4.03 12.37
CA ALA A 158 -5.82 -4.45 12.44
C ALA A 158 -4.89 -3.33 12.05
N LEU A 159 -3.64 -3.45 12.48
CA LEU A 159 -2.66 -2.40 12.26
C LEU A 159 -1.55 -2.97 11.38
N GLY A 160 -0.83 -2.09 10.69
CA GLY A 160 0.31 -2.55 9.90
C GLY A 160 1.27 -1.40 9.70
N VAL A 161 2.30 -1.64 8.92
CA VAL A 161 3.34 -0.64 8.71
C VAL A 161 3.61 -0.54 7.20
N SER A 162 4.29 0.53 6.80
CA SER A 162 4.63 0.73 5.38
C SER A 162 6.02 1.32 5.29
N ASN A 163 6.80 0.91 4.31
CA ASN A 163 8.16 1.41 4.16
C ASN A 163 9.04 1.16 5.39
N PHE A 164 8.82 0.05 6.11
CA PHE A 164 9.69 -0.36 7.23
C PHE A 164 10.72 -1.38 6.73
N SER A 165 11.94 -1.28 7.26
CA SER A 165 12.96 -2.32 7.04
C SER A 165 12.78 -3.37 8.12
N HIS A 166 13.52 -4.47 8.04
CA HIS A 166 13.41 -5.49 9.08
C HIS A 166 13.85 -4.97 10.45
N PHE A 167 14.84 -4.07 10.46
CA PHE A 167 15.33 -3.49 11.70
C PHE A 167 14.22 -2.74 12.43
N GLN A 168 13.41 -2.02 11.66
CA GLN A 168 12.33 -1.23 12.23
C GLN A 168 11.19 -2.14 12.72
N ILE A 169 10.89 -3.17 11.94
CA ILE A 169 9.89 -4.15 12.37
C ILE A 169 10.35 -4.85 13.67
N GLU A 170 11.64 -5.17 13.73
CA GLU A 170 12.25 -5.78 14.93
C GLU A 170 12.01 -4.92 16.17
N LYS A 171 12.32 -3.64 16.03
CA LYS A 171 12.06 -2.63 17.04
C LYS A 171 10.60 -2.63 17.49
N LEU A 172 9.67 -2.70 16.54
CA LEU A 172 8.25 -2.73 16.90
C LEU A 172 7.90 -4.02 17.64
N LEU A 173 8.31 -5.15 17.11
CA LEU A 173 7.97 -6.46 17.69
C LEU A 173 8.53 -6.68 19.09
N ASN A 174 9.67 -6.05 19.38
CA ASN A 174 10.34 -6.21 20.66
C ASN A 174 9.99 -5.08 21.62
N LYS A 175 9.06 -4.22 21.20
CA LYS A 175 8.66 -3.11 22.04
C LYS A 175 7.93 -3.60 23.31
N PRO A 176 8.36 -3.13 24.49
CA PRO A 176 7.72 -3.55 25.74
C PRO A 176 6.26 -3.13 25.76
N GLY A 177 5.38 -4.02 26.16
CA GLY A 177 3.97 -3.73 26.28
C GLY A 177 3.22 -3.74 24.95
N LEU A 178 3.82 -4.36 23.94
CA LEU A 178 3.18 -4.45 22.63
C LEU A 178 1.85 -5.16 22.76
N LYS A 179 0.79 -4.54 22.26
CA LYS A 179 -0.55 -5.13 22.29
C LYS A 179 -0.90 -5.82 20.97
N TYR A 180 -0.65 -5.15 19.84
CA TYR A 180 -1.02 -5.68 18.54
C TYR A 180 0.16 -5.68 17.57
N LYS A 181 0.34 -6.81 16.87
CA LYS A 181 1.38 -6.96 15.86
C LYS A 181 0.93 -6.44 14.49
N PRO A 182 1.87 -5.93 13.68
CA PRO A 182 1.56 -5.50 12.31
C PRO A 182 1.13 -6.69 11.46
N VAL A 183 0.02 -6.58 10.75
CA VAL A 183 -0.43 -7.69 9.90
C VAL A 183 0.17 -7.62 8.50
N THR A 184 0.70 -6.45 8.14
CA THR A 184 1.30 -6.28 6.81
C THR A 184 2.42 -5.22 6.82
N ASN A 185 3.36 -5.35 5.88
CA ASN A 185 4.29 -4.28 5.57
C ASN A 185 4.17 -3.92 4.09
N GLN A 186 3.68 -2.70 3.80
CA GLN A 186 3.42 -2.25 2.44
C GLN A 186 4.66 -1.51 1.91
N VAL A 187 5.36 -2.12 0.95
CA VAL A 187 6.59 -1.53 0.42
C VAL A 187 6.56 -1.59 -1.10
N GLU A 188 7.39 -0.76 -1.72
CA GLU A 188 7.52 -0.82 -3.17
C GLU A 188 8.03 -2.19 -3.53
N CYS A 189 7.47 -2.81 -4.57
CA CYS A 189 7.96 -4.11 -5.02
C CYS A 189 7.54 -4.38 -6.46
N HIS A 190 8.46 -4.94 -7.23
CA HIS A 190 8.26 -5.16 -8.66
C HIS A 190 9.55 -5.82 -9.17
N PRO A 191 9.61 -6.19 -10.47
CA PRO A 191 10.81 -6.91 -10.93
C PRO A 191 12.14 -6.12 -10.87
N TYR A 192 12.10 -4.80 -10.74
CA TYR A 192 13.35 -4.04 -10.58
C TYR A 192 13.72 -3.86 -9.10
N LEU A 193 12.82 -4.28 -8.20
CA LEU A 193 13.06 -4.19 -6.76
C LEU A 193 12.33 -5.35 -6.11
N THR A 194 12.95 -6.52 -6.17
CA THR A 194 12.24 -7.76 -5.84
C THR A 194 12.06 -8.03 -4.34
N GLN A 195 12.83 -7.33 -3.50
CA GLN A 195 12.66 -7.39 -2.04
C GLN A 195 12.72 -8.81 -1.46
N GLU A 196 13.69 -9.62 -1.90
CA GLU A 196 13.69 -11.02 -1.46
C GLU A 196 13.90 -11.16 0.05
N LYS A 197 14.90 -10.49 0.58
CA LYS A 197 15.25 -10.67 1.99
C LYS A 197 14.18 -10.12 2.91
N LEU A 198 13.56 -9.02 2.50
CA LEU A 198 12.53 -8.40 3.32
C LEU A 198 11.25 -9.23 3.31
N ILE A 199 10.91 -9.75 2.13
CA ILE A 199 9.76 -10.64 2.02
C ILE A 199 9.98 -11.89 2.87
N GLN A 200 11.18 -12.46 2.76
CA GLN A 200 11.55 -13.63 3.58
C GLN A 200 11.37 -13.31 5.06
N TYR A 201 11.97 -12.20 5.49
CA TYR A 201 11.87 -11.77 6.88
C TYR A 201 10.42 -11.61 7.35
N CYS A 202 9.64 -10.81 6.63
CA CYS A 202 8.25 -10.61 7.01
C CYS A 202 7.48 -11.93 7.12
N HIS A 203 7.61 -12.78 6.11
CA HIS A 203 6.86 -14.02 6.12
C HIS A 203 7.26 -14.89 7.31
N SER A 204 8.56 -14.92 7.62
CA SER A 204 9.07 -15.68 8.76
C SER A 204 8.44 -15.21 10.06
N LYS A 205 7.92 -13.98 10.07
CA LYS A 205 7.30 -13.43 11.27
C LYS A 205 5.77 -13.43 11.22
N GLY A 206 5.18 -14.02 10.18
CA GLY A 206 3.74 -13.98 10.02
C GLY A 206 3.19 -12.60 9.67
N ILE A 207 4.00 -11.83 8.97
CA ILE A 207 3.59 -10.51 8.49
C ILE A 207 3.49 -10.53 6.96
N THR A 208 2.32 -10.22 6.41
CA THR A 208 2.17 -10.22 4.94
C THR A 208 2.96 -9.07 4.33
N VAL A 209 3.14 -9.11 3.02
CA VAL A 209 3.76 -7.98 2.32
C VAL A 209 2.76 -7.45 1.27
N THR A 210 2.56 -6.14 1.23
CA THR A 210 1.76 -5.53 0.17
C THR A 210 2.68 -4.77 -0.77
N ALA A 211 2.62 -5.09 -2.06
CA ALA A 211 3.51 -4.47 -3.05
C ALA A 211 2.89 -3.21 -3.65
N TYR A 212 3.51 -2.06 -3.44
CA TYR A 212 3.02 -0.86 -4.08
C TYR A 212 3.86 -0.48 -5.30
N SER A 213 3.35 0.45 -6.11
CA SER A 213 3.95 0.80 -7.42
C SER A 213 4.37 -0.41 -8.27
N PRO A 214 3.48 -1.42 -8.38
CA PRO A 214 3.86 -2.67 -9.05
C PRO A 214 4.01 -2.47 -10.57
N LEU A 215 3.49 -1.38 -11.11
CA LEU A 215 3.65 -1.12 -12.55
C LEU A 215 4.77 -0.12 -12.82
N GLY A 216 5.52 0.20 -11.77
CA GLY A 216 6.59 1.18 -11.87
C GLY A 216 6.12 2.61 -11.69
N SER A 217 4.87 2.80 -11.27
CA SER A 217 4.35 4.15 -11.04
C SER A 217 4.75 5.19 -12.13
N PRO A 218 4.41 4.91 -13.41
CA PRO A 218 4.85 5.79 -14.51
C PRO A 218 4.31 7.21 -14.37
N ASP A 219 3.21 7.38 -13.64
CA ASP A 219 2.61 8.68 -13.42
C ASP A 219 3.17 9.45 -12.22
N ARG A 220 4.25 8.96 -11.63
CA ARG A 220 4.85 9.68 -10.50
C ARG A 220 5.41 10.99 -11.05
N PRO A 221 5.11 12.11 -10.39
CA PRO A 221 5.49 13.44 -10.89
C PRO A 221 6.96 13.56 -11.28
N TRP A 222 7.82 12.97 -10.46
CA TRP A 222 9.27 13.10 -10.59
C TRP A 222 9.90 12.15 -11.60
N ALA A 223 9.08 11.42 -12.33
CA ALA A 223 9.61 10.48 -13.31
C ALA A 223 10.53 11.22 -14.28
N LYS A 224 11.64 10.58 -14.63
CA LYS A 224 12.59 11.17 -15.55
C LYS A 224 12.70 10.19 -16.71
N PRO A 225 12.89 10.70 -17.94
CA PRO A 225 12.79 9.84 -19.12
C PRO A 225 13.85 8.76 -19.14
N GLU A 226 15.00 9.03 -18.53
CA GLU A 226 16.05 8.02 -18.44
C GLU A 226 15.66 6.84 -17.52
N ASP A 227 14.78 7.09 -16.54
CA ASP A 227 14.35 6.06 -15.57
C ASP A 227 13.84 4.77 -16.24
N PRO A 228 14.14 3.60 -15.64
CA PRO A 228 13.66 2.33 -16.19
C PRO A 228 12.13 2.32 -16.27
N SER A 229 11.60 1.56 -17.21
CA SER A 229 10.15 1.52 -17.42
C SER A 229 9.67 0.08 -17.55
N LEU A 230 9.10 -0.45 -16.47
CA LEU A 230 8.58 -1.82 -16.45
C LEU A 230 7.54 -2.12 -17.55
N LEU A 231 6.58 -1.22 -17.75
CA LEU A 231 5.50 -1.48 -18.71
C LEU A 231 6.00 -1.57 -20.16
N GLU A 232 7.21 -1.10 -20.40
CA GLU A 232 7.76 -1.09 -21.75
C GLU A 232 8.88 -2.13 -21.90
N ASP A 233 9.26 -2.74 -20.78
CA ASP A 233 10.31 -3.76 -20.81
C ASP A 233 9.96 -4.86 -21.80
N PRO A 234 10.80 -5.05 -22.82
CA PRO A 234 10.55 -6.02 -23.89
C PRO A 234 10.46 -7.48 -23.42
N LYS A 235 11.24 -7.87 -22.42
CA LYS A 235 11.18 -9.24 -21.90
C LYS A 235 9.86 -9.47 -21.15
N ILE A 236 9.37 -8.43 -20.47
CA ILE A 236 8.08 -8.50 -19.79
C ILE A 236 6.97 -8.73 -20.83
N LYS A 237 6.97 -7.90 -21.87
CA LYS A 237 5.93 -7.96 -22.91
C LYS A 237 5.94 -9.28 -23.68
N GLU A 238 7.14 -9.82 -23.87
CA GLU A 238 7.31 -11.12 -24.51
C GLU A 238 6.63 -12.23 -23.69
N ILE A 239 6.79 -12.17 -22.36
CA ILE A 239 6.16 -13.15 -21.48
C ILE A 239 4.64 -12.95 -21.47
N ALA A 240 4.21 -11.70 -21.42
CA ALA A 240 2.80 -11.35 -21.59
C ALA A 240 2.19 -11.91 -22.88
N ALA A 241 2.89 -11.73 -23.99
CA ALA A 241 2.43 -12.22 -25.28
C ALA A 241 2.23 -13.74 -25.26
N LYS A 242 3.09 -14.45 -24.55
CA LYS A 242 2.99 -15.90 -24.44
C LYS A 242 1.66 -16.33 -23.81
N HIS A 243 1.17 -15.55 -22.86
CA HIS A 243 -0.05 -15.88 -22.14
C HIS A 243 -1.26 -15.12 -22.67
N LYS A 244 -1.06 -14.40 -23.77
CA LYS A 244 -2.10 -13.53 -24.33
C LYS A 244 -2.63 -12.61 -23.24
N LYS A 245 -1.68 -12.04 -22.50
CA LYS A 245 -1.94 -11.08 -21.44
C LYS A 245 -1.20 -9.76 -21.74
N THR A 246 -1.48 -8.71 -20.99
CA THR A 246 -0.72 -7.48 -21.13
C THR A 246 0.46 -7.50 -20.16
N ALA A 247 1.41 -6.59 -20.37
CA ALA A 247 2.56 -6.46 -19.48
C ALA A 247 2.09 -6.16 -18.04
N ALA A 248 1.08 -5.31 -17.92
CA ALA A 248 0.54 -4.96 -16.61
C ALA A 248 0.03 -6.20 -15.85
N GLN A 249 -0.72 -7.03 -16.55
CA GLN A 249 -1.22 -8.29 -15.98
C GLN A 249 -0.11 -9.22 -15.51
N VAL A 250 1.01 -9.28 -16.24
CA VAL A 250 2.14 -10.10 -15.81
C VAL A 250 2.77 -9.53 -14.54
N LEU A 251 2.97 -8.21 -14.54
CA LEU A 251 3.56 -7.49 -13.43
C LEU A 251 2.74 -7.58 -12.14
N ILE A 252 1.43 -7.81 -12.29
CA ILE A 252 0.54 -8.04 -11.15
C ILE A 252 0.58 -9.52 -10.70
N ARG A 253 0.45 -10.43 -11.67
CA ARG A 253 0.50 -11.87 -11.38
C ARG A 253 1.82 -12.26 -10.71
N PHE A 254 2.90 -11.58 -11.08
CA PHE A 254 4.21 -11.78 -10.45
C PHE A 254 4.10 -11.83 -8.92
N HIS A 255 3.44 -10.83 -8.33
CA HIS A 255 3.34 -10.76 -6.87
C HIS A 255 2.44 -11.85 -6.31
N ILE A 256 1.33 -12.07 -7.00
CA ILE A 256 0.38 -13.09 -6.59
C ILE A 256 1.06 -14.45 -6.36
N GLN A 257 1.92 -14.87 -7.28
CA GLN A 257 2.63 -16.16 -7.14
C GLN A 257 3.78 -16.14 -6.12
N ARG A 258 4.07 -14.99 -5.53
CA ARG A 258 5.02 -14.99 -4.42
C ARG A 258 4.22 -14.82 -3.14
N ASN A 259 2.91 -14.93 -3.28
CA ASN A 259 1.96 -14.73 -2.19
C ASN A 259 2.01 -13.33 -1.61
N VAL A 260 2.31 -12.37 -2.47
CA VAL A 260 2.39 -10.98 -2.04
C VAL A 260 1.16 -10.24 -2.55
N ILE A 261 0.54 -9.49 -1.66
CA ILE A 261 -0.65 -8.69 -1.97
C ILE A 261 -0.17 -7.53 -2.83
N VAL A 262 -0.99 -7.09 -3.78
CA VAL A 262 -0.51 -6.10 -4.73
C VAL A 262 -1.63 -5.13 -5.08
N ILE A 263 -1.30 -3.84 -5.17
CA ILE A 263 -2.32 -2.80 -5.28
C ILE A 263 -2.16 -1.81 -6.45
N PRO A 264 -2.30 -2.30 -7.69
CA PRO A 264 -2.10 -1.43 -8.87
C PRO A 264 -3.12 -0.28 -8.91
N LYS A 265 -2.69 0.92 -9.26
CA LYS A 265 -3.59 2.09 -9.36
C LYS A 265 -4.03 2.33 -10.80
N SER A 266 -5.32 2.57 -11.00
CA SER A 266 -5.79 3.11 -12.28
C SER A 266 -7.08 3.90 -12.07
N VAL A 267 -7.31 4.87 -12.93
CA VAL A 267 -8.61 5.52 -13.00
C VAL A 267 -9.28 5.24 -14.36
N THR A 268 -8.67 4.33 -15.12
CA THR A 268 -9.19 3.94 -16.44
C THR A 268 -9.96 2.63 -16.32
N PRO A 269 -11.29 2.68 -16.49
CA PRO A 269 -12.19 1.53 -16.34
C PRO A 269 -11.70 0.23 -16.98
N ALA A 270 -11.30 0.28 -18.25
CA ALA A 270 -10.77 -0.89 -18.94
C ALA A 270 -9.55 -1.48 -18.25
N ARG A 271 -8.69 -0.61 -17.73
CA ARG A 271 -7.47 -1.07 -17.06
C ARG A 271 -7.79 -1.66 -15.68
N ILE A 272 -8.70 -1.00 -14.97
CA ILE A 272 -9.17 -1.50 -13.68
C ILE A 272 -9.64 -2.95 -13.81
N VAL A 273 -10.46 -3.23 -14.82
CA VAL A 273 -10.94 -4.58 -15.07
C VAL A 273 -9.80 -5.51 -15.44
N GLU A 274 -8.98 -5.07 -16.39
CA GLU A 274 -7.81 -5.82 -16.81
C GLU A 274 -6.91 -6.22 -15.65
N ASN A 275 -6.70 -5.29 -14.72
CA ASN A 275 -5.77 -5.49 -13.60
C ASN A 275 -6.23 -6.54 -12.59
N ILE A 276 -7.53 -6.84 -12.59
CA ILE A 276 -8.06 -7.90 -11.74
C ILE A 276 -8.34 -9.20 -12.51
N GLN A 277 -8.21 -9.16 -13.84
CA GLN A 277 -8.29 -10.38 -14.66
C GLN A 277 -6.97 -11.15 -14.65
N VAL A 278 -6.54 -11.59 -13.47
CA VAL A 278 -5.23 -12.21 -13.36
C VAL A 278 -5.27 -13.53 -12.58
N PHE A 279 -6.43 -14.18 -12.57
CA PHE A 279 -6.58 -15.47 -11.88
C PHE A 279 -6.93 -16.61 -12.86
N ASP A 280 -6.63 -16.37 -14.13
CA ASP A 280 -6.90 -17.33 -15.19
C ASP A 280 -5.63 -17.73 -15.95
N PHE A 281 -4.47 -17.46 -15.36
CA PHE A 281 -3.21 -17.93 -15.91
C PHE A 281 -2.18 -18.08 -14.81
N LYS A 282 -1.11 -18.81 -15.13
CA LYS A 282 0.02 -18.98 -14.23
C LYS A 282 1.31 -18.74 -14.99
N LEU A 283 2.22 -17.99 -14.37
CA LEU A 283 3.56 -17.86 -14.89
C LEU A 283 4.31 -19.13 -14.55
N SER A 284 5.08 -19.66 -15.51
CA SER A 284 5.86 -20.87 -15.30
C SER A 284 6.96 -20.59 -14.28
N ASP A 285 7.52 -21.66 -13.73
CA ASP A 285 8.59 -21.52 -12.75
C ASP A 285 9.80 -20.79 -13.33
N GLU A 286 10.11 -21.05 -14.60
CA GLU A 286 11.26 -20.39 -15.20
C GLU A 286 10.92 -18.95 -15.58
N GLU A 287 9.64 -18.68 -15.80
CA GLU A 287 9.20 -17.31 -16.04
C GLU A 287 9.37 -16.45 -14.78
N MET A 288 8.99 -17.01 -13.63
CA MET A 288 9.23 -16.36 -12.34
C MET A 288 10.72 -16.12 -12.05
N ALA A 289 11.55 -17.13 -12.32
CA ALA A 289 12.99 -16.98 -12.10
C ALA A 289 13.59 -15.93 -13.02
N THR A 290 13.10 -15.86 -14.25
CA THR A 290 13.51 -14.83 -15.21
C THR A 290 13.08 -13.44 -14.73
N ILE A 291 11.85 -13.33 -14.25
CA ILE A 291 11.37 -12.04 -13.77
C ILE A 291 12.15 -11.59 -12.53
N LEU A 292 12.35 -12.51 -11.58
CA LEU A 292 13.21 -12.26 -10.42
C LEU A 292 14.62 -11.76 -10.77
N SER A 293 15.17 -12.24 -11.88
CA SER A 293 16.54 -11.88 -12.28
C SER A 293 16.65 -10.44 -12.75
N PHE A 294 15.52 -9.74 -12.82
CA PHE A 294 15.53 -8.35 -13.27
C PHE A 294 15.83 -7.37 -12.15
N ASN A 295 15.99 -7.87 -10.92
CA ASN A 295 16.24 -6.99 -9.78
C ASN A 295 17.43 -6.08 -10.06
N ARG A 296 17.25 -4.79 -9.81
CA ARG A 296 18.35 -3.85 -9.88
C ARG A 296 18.29 -2.90 -8.71
N ASN A 297 17.58 -3.33 -7.66
CA ASN A 297 17.39 -2.52 -6.46
C ASN A 297 17.03 -1.08 -6.81
N TRP A 298 16.08 -0.91 -7.72
CA TRP A 298 15.68 0.43 -8.14
C TRP A 298 14.35 0.86 -7.54
N ARG A 299 14.35 2.01 -6.86
CA ARG A 299 13.15 2.57 -6.22
C ARG A 299 12.55 3.71 -7.03
N ALA A 300 11.31 3.56 -7.49
CA ALA A 300 10.63 4.66 -8.17
C ALA A 300 10.15 5.66 -7.15
N CYS A 301 9.88 5.18 -5.94
CA CYS A 301 9.40 6.02 -4.84
C CYS A 301 10.48 6.27 -3.80
N ASN A 302 11.29 7.30 -4.07
CA ASN A 302 12.36 7.66 -3.16
C ASN A 302 12.53 9.18 -3.18
N VAL A 303 11.40 9.89 -3.22
CA VAL A 303 11.42 11.35 -3.28
C VAL A 303 11.61 11.95 -1.88
N LEU A 304 11.25 11.17 -0.86
CA LEU A 304 11.57 11.49 0.53
C LEU A 304 13.06 11.27 0.74
N GLN A 305 13.83 12.35 0.64
CA GLN A 305 15.28 12.25 0.82
C GLN A 305 15.63 12.76 2.22
N SER A 306 14.87 12.28 3.19
CA SER A 306 15.04 12.58 4.59
C SER A 306 16.10 11.68 5.25
N SER A 307 17.15 11.36 4.51
CA SER A 307 18.21 10.48 5.00
C SER A 307 18.99 11.05 6.18
N HIS A 308 18.76 12.31 6.52
CA HIS A 308 19.45 12.91 7.66
C HIS A 308 18.77 12.55 8.99
N LEU A 309 17.45 12.34 8.95
CA LEU A 309 16.71 12.00 10.16
C LEU A 309 16.89 10.54 10.57
N GLU A 310 16.64 10.29 11.86
CA GLU A 310 16.64 8.96 12.44
C GLU A 310 15.60 8.07 11.77
N ASP A 311 15.86 6.76 11.74
CA ASP A 311 14.93 5.79 11.17
C ASP A 311 14.63 5.94 9.66
N TYR A 312 15.62 6.38 8.88
CA TYR A 312 15.48 6.34 7.42
C TYR A 312 15.59 4.89 6.95
N PRO A 313 14.50 4.34 6.39
CA PRO A 313 14.39 2.90 6.10
C PRO A 313 15.30 2.38 4.98
N PHE A 314 15.73 3.24 4.06
CA PHE A 314 16.36 2.72 2.85
C PHE A 314 17.89 2.59 2.96
N ASP A 315 18.46 3.05 4.07
CA ASP A 315 19.89 2.81 4.38
C ASP A 315 20.16 1.33 4.70
N ALA A 316 19.21 0.66 5.33
CA ALA A 316 19.38 -0.75 5.65
C ALA A 316 19.38 -1.61 4.40
N GLU A 317 20.12 -2.71 4.42
CA GLU A 317 20.11 -3.66 3.32
C GLU A 317 18.68 -4.15 3.02
N TYR A 318 17.93 -4.43 4.09
CA TYR A 318 16.52 -4.83 4.00
C TYR A 318 15.87 -4.59 5.36
#